data_2L44
#
_entry.id   2L44
#
_cell.length_a   1.000
_cell.length_b   1.000
_cell.length_c   1.000
_cell.angle_alpha   90.00
_cell.angle_beta   90.00
_cell.angle_gamma   90.00
#
_symmetry.space_group_name_H-M   'P 1'
#
loop_
_entity.id
_entity.type
_entity.pdbx_description
1 polymer 'C-terminal Zinc Knucle of the HIV-NCP7'
2 non-polymer 'ZINC ION'
#
_entity_poly.entity_id   1
_entity_poly.type   'polypeptide(L)'
_entity_poly.pdbx_seq_one_letter_code
;KGCWKCGKEGHQMKDCTER
;
_entity_poly.pdbx_strand_id   A
#
loop_
_chem_comp.id
_chem_comp.type
_chem_comp.name
_chem_comp.formula
ZN non-polymer 'ZINC ION' 'Zn 2'
#
# COMPACT_ATOMS: atom_id res chain seq x y z
N LYS A 1 0.58 -2.51 -8.84
CA LYS A 1 1.79 -3.14 -8.33
C LYS A 1 1.84 -3.06 -6.80
N GLY A 2 2.05 -1.86 -6.28
CA GLY A 2 2.12 -1.66 -4.84
C GLY A 2 0.81 -1.17 -4.27
N CYS A 3 0.88 -0.08 -3.51
CA CYS A 3 -0.31 0.49 -2.90
C CYS A 3 -0.94 1.47 -3.90
N TRP A 4 -1.92 2.21 -3.40
CA TRP A 4 -2.62 3.20 -4.22
C TRP A 4 -2.36 4.61 -3.72
N LYS A 5 -1.98 4.72 -2.45
CA LYS A 5 -1.70 6.02 -1.85
C LYS A 5 -0.28 6.07 -1.30
N CYS A 6 0.23 4.91 -0.89
CA CYS A 6 1.58 4.82 -0.34
C CYS A 6 2.62 4.95 -1.45
N GLY A 7 3.21 6.14 -1.56
CA GLY A 7 4.22 6.38 -2.58
C GLY A 7 5.33 5.35 -2.55
N LYS A 8 5.64 4.83 -1.37
CA LYS A 8 6.68 3.82 -1.22
C LYS A 8 6.45 2.67 -2.18
N GLU A 9 5.20 2.26 -2.34
CA GLU A 9 4.85 1.16 -3.24
C GLU A 9 5.71 -0.07 -2.94
N GLY A 10 5.23 -0.91 -2.03
CA GLY A 10 5.96 -2.11 -1.66
C GLY A 10 5.04 -3.24 -1.25
N HIS A 11 4.07 -2.93 -0.40
CA HIS A 11 3.12 -3.93 0.08
C HIS A 11 1.81 -3.86 -0.71
N GLN A 12 0.83 -4.65 -0.29
CA GLN A 12 -0.46 -4.68 -0.96
C GLN A 12 -1.46 -3.76 -0.26
N MET A 13 -2.33 -3.12 -1.04
CA MET A 13 -3.33 -2.21 -0.49
C MET A 13 -4.26 -2.94 0.47
N LYS A 14 -4.62 -4.17 0.11
CA LYS A 14 -5.51 -4.98 0.94
C LYS A 14 -4.90 -5.20 2.33
N ASP A 15 -3.58 -5.33 2.37
CA ASP A 15 -2.88 -5.54 3.63
C ASP A 15 -2.31 -4.23 4.17
N CYS A 16 -2.54 -3.15 3.44
CA CYS A 16 -2.06 -1.82 3.84
C CYS A 16 -2.60 -1.44 5.22
N THR A 17 -1.78 -0.74 5.99
CA THR A 17 -2.18 -0.31 7.33
C THR A 17 -2.85 1.06 7.28
N GLU A 18 -3.79 1.23 6.36
CA GLU A 18 -4.50 2.49 6.22
C GLU A 18 -5.39 2.75 7.44
N ARG A 19 -5.86 1.68 8.06
CA ARG A 19 -6.72 1.79 9.23
C ARG A 19 -5.89 1.87 10.51
ZN ZN B . -0.06 1.00 1.74
N LYS A 1 1.87 -0.41 -8.70
CA LYS A 1 2.40 -1.75 -8.42
C LYS A 1 2.20 -2.11 -6.96
N GLY A 2 2.56 -1.18 -6.07
CA GLY A 2 2.42 -1.42 -4.64
C GLY A 2 1.03 -1.11 -4.14
N CYS A 3 0.90 -0.03 -3.39
CA CYS A 3 -0.39 0.37 -2.85
C CYS A 3 -1.05 1.34 -3.83
N TRP A 4 -2.14 1.95 -3.38
CA TRP A 4 -2.87 2.90 -4.19
C TRP A 4 -2.81 4.30 -3.59
N LYS A 5 -2.53 4.37 -2.29
CA LYS A 5 -2.42 5.65 -1.59
C LYS A 5 -1.06 5.79 -0.92
N CYS A 6 -0.50 4.67 -0.50
CA CYS A 6 0.81 4.67 0.16
C CYS A 6 1.92 4.99 -0.84
N GLY A 7 2.39 6.24 -0.80
CA GLY A 7 3.45 6.65 -1.70
C GLY A 7 4.65 5.74 -1.64
N LYS A 8 4.90 5.17 -0.47
CA LYS A 8 6.04 4.27 -0.27
C LYS A 8 6.05 3.17 -1.33
N GLU A 9 4.86 2.66 -1.65
CA GLU A 9 4.73 1.60 -2.66
C GLU A 9 5.69 0.45 -2.34
N GLY A 10 5.22 -0.50 -1.55
CA GLY A 10 6.04 -1.65 -1.19
C GLY A 10 5.21 -2.90 -0.95
N HIS A 11 4.11 -2.74 -0.22
CA HIS A 11 3.24 -3.87 0.09
C HIS A 11 2.00 -3.86 -0.82
N GLN A 12 1.08 -4.78 -0.55
CA GLN A 12 -0.14 -4.88 -1.34
C GLN A 12 -1.28 -4.13 -0.67
N MET A 13 -2.16 -3.54 -1.48
CA MET A 13 -3.30 -2.79 -0.95
C MET A 13 -4.19 -3.70 -0.10
N LYS A 14 -4.38 -4.93 -0.56
CA LYS A 14 -5.21 -5.89 0.17
C LYS A 14 -4.66 -6.15 1.56
N ASP A 15 -3.33 -6.13 1.68
CA ASP A 15 -2.67 -6.36 2.96
C ASP A 15 -2.28 -5.05 3.62
N CYS A 16 -2.69 -3.94 3.00
CA CYS A 16 -2.38 -2.62 3.53
C CYS A 16 -3.05 -2.39 4.87
N THR A 17 -2.36 -1.69 5.76
CA THR A 17 -2.89 -1.40 7.09
C THR A 17 -3.67 -0.08 7.10
N GLU A 18 -4.51 0.11 6.09
CA GLU A 18 -5.31 1.33 5.99
C GLU A 18 -6.25 1.47 7.19
N ARG A 19 -6.76 2.68 7.40
CA ARG A 19 -7.66 2.95 8.51
C ARG A 19 -8.94 3.61 8.02
ZN ZN B . -0.58 0.59 1.82
N LYS A 1 4.09 -4.54 -8.09
CA LYS A 1 3.10 -3.53 -7.74
C LYS A 1 2.91 -3.45 -6.23
N GLY A 2 3.14 -2.27 -5.67
CA GLY A 2 2.99 -2.10 -4.23
C GLY A 2 1.63 -1.54 -3.86
N CYS A 3 1.62 -0.37 -3.22
CA CYS A 3 0.37 0.24 -2.82
C CYS A 3 -0.14 1.11 -3.97
N TRP A 4 -1.15 1.92 -3.66
CA TRP A 4 -1.74 2.82 -4.65
C TRP A 4 -1.48 4.28 -4.28
N LYS A 5 -1.20 4.52 -3.00
CA LYS A 5 -0.94 5.87 -2.52
C LYS A 5 0.42 5.94 -1.82
N CYS A 6 0.82 4.84 -1.21
CA CYS A 6 2.10 4.78 -0.50
C CYS A 6 3.26 4.83 -1.49
N GLY A 7 3.93 5.98 -1.55
CA GLY A 7 5.05 6.13 -2.45
C GLY A 7 6.08 5.04 -2.30
N LYS A 8 6.31 4.61 -1.06
CA LYS A 8 7.28 3.55 -0.79
C LYS A 8 7.01 2.33 -1.66
N GLU A 9 5.73 1.99 -1.83
CA GLU A 9 5.34 0.85 -2.64
C GLU A 9 6.11 -0.41 -2.21
N GLY A 10 5.54 -1.13 -1.24
CA GLY A 10 6.18 -2.34 -0.77
C GLY A 10 5.18 -3.40 -0.37
N HIS A 11 4.22 -3.03 0.47
CA HIS A 11 3.18 -3.96 0.92
C HIS A 11 1.97 -3.93 0.00
N GLN A 12 0.93 -4.66 0.38
CA GLN A 12 -0.30 -4.71 -0.41
C GLN A 12 -1.31 -3.69 0.09
N MET A 13 -2.08 -3.12 -0.84
CA MET A 13 -3.09 -2.13 -0.48
C MET A 13 -4.13 -2.73 0.47
N LYS A 14 -4.51 -3.97 0.21
CA LYS A 14 -5.50 -4.66 1.04
C LYS A 14 -5.02 -4.75 2.48
N ASP A 15 -3.71 -4.91 2.67
CA ASP A 15 -3.13 -5.00 4.00
C ASP A 15 -2.55 -3.66 4.43
N CYS A 16 -2.71 -2.64 3.59
CA CYS A 16 -2.21 -1.31 3.88
C CYS A 16 -2.84 -0.76 5.16
N THR A 17 -2.06 -0.01 5.93
CA THR A 17 -2.54 0.58 7.17
C THR A 17 -3.15 1.96 6.93
N GLU A 18 -4.01 2.05 5.93
CA GLU A 18 -4.68 3.31 5.59
C GLU A 18 -5.65 3.71 6.68
N ARG A 19 -6.24 2.72 7.34
CA ARG A 19 -7.20 2.97 8.41
C ARG A 19 -6.50 3.51 9.66
ZN ZN B . 0.10 1.18 1.75
N LYS A 1 5.48 -1.51 -8.56
CA LYS A 1 4.08 -1.54 -8.17
C LYS A 1 3.93 -1.78 -6.68
N GLY A 2 2.89 -1.21 -6.08
CA GLY A 2 2.66 -1.38 -4.66
C GLY A 2 1.26 -0.95 -4.25
N CYS A 3 1.18 -0.07 -3.26
CA CYS A 3 -0.11 0.40 -2.78
C CYS A 3 -0.68 1.37 -3.82
N TRP A 4 -1.76 2.04 -3.43
CA TRP A 4 -2.42 3.00 -4.31
C TRP A 4 -2.32 4.41 -3.74
N LYS A 5 -2.11 4.51 -2.43
CA LYS A 5 -2.00 5.79 -1.76
C LYS A 5 -0.66 5.92 -1.04
N CYS A 6 -0.11 4.78 -0.61
CA CYS A 6 1.16 4.77 0.08
C CYS A 6 2.32 5.00 -0.89
N GLY A 7 2.85 6.22 -0.90
CA GLY A 7 3.95 6.55 -1.78
C GLY A 7 5.10 5.56 -1.68
N LYS A 8 5.31 5.04 -0.47
CA LYS A 8 6.38 4.08 -0.24
C LYS A 8 6.32 2.93 -1.24
N GLU A 9 5.11 2.46 -1.53
CA GLU A 9 4.91 1.38 -2.47
C GLU A 9 5.80 0.19 -2.12
N GLY A 10 5.29 -0.70 -1.27
CA GLY A 10 6.05 -1.87 -0.86
C GLY A 10 5.17 -3.06 -0.57
N HIS A 11 4.12 -2.84 0.21
CA HIS A 11 3.19 -3.92 0.56
C HIS A 11 1.99 -3.93 -0.37
N GLN A 12 1.02 -4.80 -0.07
CA GLN A 12 -0.18 -4.90 -0.90
C GLN A 12 -1.30 -4.03 -0.35
N MET A 13 -2.08 -3.44 -1.24
CA MET A 13 -3.19 -2.58 -0.84
C MET A 13 -4.21 -3.35 -0.03
N LYS A 14 -4.46 -4.59 -0.42
CA LYS A 14 -5.42 -5.44 0.28
C LYS A 14 -4.99 -5.66 1.73
N ASP A 15 -3.69 -5.75 1.96
CA ASP A 15 -3.16 -5.94 3.29
C ASP A 15 -2.69 -4.63 3.90
N CYS A 16 -2.90 -3.54 3.16
CA CYS A 16 -2.51 -2.22 3.63
C CYS A 16 -3.21 -1.87 4.94
N THR A 17 -2.50 -1.18 5.82
CA THR A 17 -3.06 -0.79 7.12
C THR A 17 -3.77 0.56 7.01
N GLU A 18 -4.75 0.64 6.13
CA GLU A 18 -5.51 1.86 5.94
C GLU A 18 -6.56 2.04 7.04
N ARG A 19 -6.89 3.29 7.35
CA ARG A 19 -7.87 3.59 8.38
C ARG A 19 -9.29 3.49 7.83
ZN ZN B . -0.45 0.81 1.86
N LYS A 1 4.10 -3.53 -8.41
CA LYS A 1 3.77 -2.15 -8.05
C LYS A 1 3.51 -2.04 -6.56
N GLY A 2 3.65 -0.83 -6.02
CA GLY A 2 3.41 -0.60 -4.61
C GLY A 2 1.95 -0.37 -4.29
N CYS A 3 1.69 0.34 -3.20
CA CYS A 3 0.33 0.63 -2.80
C CYS A 3 -0.31 1.53 -3.85
N TRP A 4 -1.46 2.09 -3.49
CA TRP A 4 -2.19 2.98 -4.40
C TRP A 4 -2.21 4.41 -3.85
N LYS A 5 -2.00 4.54 -2.54
CA LYS A 5 -2.00 5.84 -1.90
C LYS A 5 -0.68 6.08 -1.15
N CYS A 6 -0.10 5.00 -0.64
CA CYS A 6 1.15 5.09 0.10
C CYS A 6 2.28 5.60 -0.80
N GLY A 7 2.63 4.81 -1.81
CA GLY A 7 3.68 5.20 -2.73
C GLY A 7 5.03 4.65 -2.32
N LYS A 8 5.25 4.51 -1.01
CA LYS A 8 6.51 3.99 -0.50
C LYS A 8 6.88 2.67 -1.19
N GLU A 9 5.87 1.91 -1.58
CA GLU A 9 6.08 0.64 -2.24
C GLU A 9 6.80 -0.35 -1.33
N GLY A 10 6.06 -1.33 -0.83
CA GLY A 10 6.65 -2.33 0.05
C GLY A 10 5.68 -3.45 0.38
N HIS A 11 4.41 -3.11 0.56
CA HIS A 11 3.39 -4.09 0.88
C HIS A 11 2.26 -4.05 -0.14
N GLN A 12 1.21 -4.83 0.10
CA GLN A 12 0.07 -4.89 -0.79
C GLN A 12 -1.08 -4.03 -0.28
N MET A 13 -1.84 -3.45 -1.20
CA MET A 13 -2.96 -2.59 -0.84
C MET A 13 -3.96 -3.36 0.02
N LYS A 14 -4.24 -4.60 -0.37
CA LYS A 14 -5.18 -5.44 0.36
C LYS A 14 -4.75 -5.62 1.81
N ASP A 15 -3.43 -5.71 2.02
CA ASP A 15 -2.88 -5.88 3.36
C ASP A 15 -2.39 -4.54 3.92
N CYS A 16 -2.72 -3.46 3.22
CA CYS A 16 -2.30 -2.13 3.65
C CYS A 16 -3.00 -1.73 4.95
N THR A 17 -2.27 -1.02 5.81
CA THR A 17 -2.81 -0.59 7.08
C THR A 17 -3.63 0.69 6.94
N GLU A 18 -4.63 0.64 6.07
CA GLU A 18 -5.50 1.79 5.83
C GLU A 18 -6.60 1.87 6.88
N ARG A 19 -7.44 2.90 6.77
CA ARG A 19 -8.54 3.10 7.70
C ARG A 19 -9.87 2.67 7.08
ZN ZN B . -0.25 0.77 1.83
N LYS A 1 3.75 -3.79 -8.70
CA LYS A 1 2.97 -2.72 -8.08
C LYS A 1 2.80 -2.95 -6.59
N GLY A 2 2.95 -1.88 -5.80
CA GLY A 2 2.82 -2.00 -4.37
C GLY A 2 1.49 -1.46 -3.86
N CYS A 3 1.53 -0.36 -3.14
CA CYS A 3 0.32 0.24 -2.62
C CYS A 3 -0.27 1.15 -3.69
N TRP A 4 -1.26 1.94 -3.28
CA TRP A 4 -1.93 2.87 -4.18
C TRP A 4 -1.66 4.31 -3.79
N LYS A 5 -1.28 4.51 -2.53
CA LYS A 5 -0.98 5.85 -2.02
C LYS A 5 0.42 5.91 -1.42
N CYS A 6 0.87 4.78 -0.87
CA CYS A 6 2.19 4.71 -0.26
C CYS A 6 3.28 4.77 -1.32
N GLY A 7 3.86 5.96 -1.49
CA GLY A 7 4.92 6.13 -2.47
C GLY A 7 6.02 5.11 -2.33
N LYS A 8 6.27 4.68 -1.10
CA LYS A 8 7.31 3.69 -0.82
C LYS A 8 7.16 2.47 -1.73
N GLU A 9 5.91 2.04 -1.92
CA GLU A 9 5.63 0.89 -2.77
C GLU A 9 6.43 -0.32 -2.30
N GLY A 10 5.84 -1.11 -1.42
CA GLY A 10 6.52 -2.30 -0.92
C GLY A 10 5.55 -3.39 -0.50
N HIS A 11 4.54 -3.02 0.29
CA HIS A 11 3.55 -3.98 0.76
C HIS A 11 2.29 -3.91 -0.11
N GLN A 12 1.27 -4.66 0.28
CA GLN A 12 0.01 -4.70 -0.45
C GLN A 12 -1.01 -3.76 0.19
N MET A 13 -1.86 -3.16 -0.64
CA MET A 13 -2.89 -2.24 -0.17
C MET A 13 -3.81 -2.93 0.83
N LYS A 14 -4.18 -4.18 0.52
CA LYS A 14 -5.06 -4.95 1.38
C LYS A 14 -4.47 -5.09 2.78
N ASP A 15 -3.15 -5.19 2.85
CA ASP A 15 -2.46 -5.34 4.13
C ASP A 15 -1.96 -3.99 4.62
N CYS A 16 -2.17 -2.95 3.82
CA CYS A 16 -1.73 -1.61 4.17
C CYS A 16 -2.35 -1.17 5.49
N THR A 17 -1.60 -0.36 6.26
CA THR A 17 -2.07 0.13 7.54
C THR A 17 -3.46 0.73 7.42
N GLU A 18 -3.71 1.43 6.32
CA GLU A 18 -5.00 2.06 6.09
C GLU A 18 -6.10 1.00 5.94
N ARG A 19 -7.34 1.42 6.18
CA ARG A 19 -8.48 0.51 6.08
C ARG A 19 -8.71 0.10 4.63
ZN ZN B . 0.40 1.07 1.99
N LYS A 1 2.62 -4.49 -3.88
CA LYS A 1 2.58 -4.40 -5.34
C LYS A 1 2.15 -3.00 -5.78
N GLY A 2 2.63 -1.99 -5.06
CA GLY A 2 2.29 -0.62 -5.39
C GLY A 2 0.99 -0.16 -4.73
N CYS A 3 1.12 0.57 -3.65
CA CYS A 3 -0.05 1.06 -2.94
C CYS A 3 -0.76 2.09 -3.83
N TRP A 4 -1.72 2.79 -3.22
CA TRP A 4 -2.48 3.80 -3.94
C TRP A 4 -2.18 5.19 -3.40
N LYS A 5 -1.66 5.25 -2.18
CA LYS A 5 -1.32 6.52 -1.55
C LYS A 5 0.13 6.53 -1.08
N CYS A 6 0.64 5.36 -0.71
CA CYS A 6 2.01 5.23 -0.25
C CYS A 6 2.99 5.48 -1.38
N GLY A 7 3.62 6.65 -1.38
CA GLY A 7 4.57 6.99 -2.42
C GLY A 7 5.63 5.93 -2.59
N LYS A 8 6.06 5.34 -1.48
CA LYS A 8 7.08 4.30 -1.51
C LYS A 8 6.73 3.21 -2.53
N GLU A 9 5.46 2.85 -2.58
CA GLU A 9 4.99 1.82 -3.50
C GLU A 9 5.83 0.56 -3.38
N GLY A 10 5.42 -0.33 -2.48
CA GLY A 10 6.14 -1.57 -2.28
C GLY A 10 5.22 -2.72 -1.91
N HIS A 11 4.33 -2.49 -0.95
CA HIS A 11 3.40 -3.53 -0.51
C HIS A 11 2.05 -3.36 -1.21
N GLN A 12 1.08 -4.17 -0.80
CA GLN A 12 -0.25 -4.13 -1.40
C GLN A 12 -1.20 -3.30 -0.53
N MET A 13 -2.11 -2.58 -1.18
CA MET A 13 -3.07 -1.74 -0.48
C MET A 13 -3.88 -2.56 0.52
N LYS A 14 -4.28 -3.76 0.10
CA LYS A 14 -5.05 -4.65 0.96
C LYS A 14 -4.32 -4.95 2.25
N ASP A 15 -2.99 -5.04 2.16
CA ASP A 15 -2.17 -5.32 3.33
C ASP A 15 -1.59 -4.04 3.91
N CYS A 16 -1.95 -2.91 3.32
CA CYS A 16 -1.47 -1.62 3.77
C CYS A 16 -1.95 -1.32 5.19
N THR A 17 -1.13 -0.60 5.95
CA THR A 17 -1.46 -0.26 7.33
C THR A 17 -2.86 0.35 7.42
N GLU A 18 -3.22 1.16 6.43
CA GLU A 18 -4.53 1.80 6.41
C GLU A 18 -5.64 0.76 6.26
N ARG A 19 -6.84 1.12 6.71
CA ARG A 19 -7.98 0.23 6.64
C ARG A 19 -8.24 -0.21 5.20
ZN ZN B . 0.45 1.27 1.71
N LYS A 1 1.11 -5.83 -4.66
CA LYS A 1 2.24 -4.92 -4.84
C LYS A 1 1.78 -3.58 -5.40
N GLY A 2 2.42 -2.50 -4.94
CA GLY A 2 2.06 -1.18 -5.41
C GLY A 2 0.77 -0.68 -4.82
N CYS A 3 0.88 0.15 -3.78
CA CYS A 3 -0.30 0.69 -3.13
C CYS A 3 -0.98 1.67 -4.10
N TRP A 4 -1.93 2.42 -3.56
CA TRP A 4 -2.67 3.40 -4.34
C TRP A 4 -2.34 4.82 -3.88
N LYS A 5 -1.86 4.94 -2.66
CA LYS A 5 -1.51 6.24 -2.10
C LYS A 5 -0.07 6.26 -1.60
N CYS A 6 0.41 5.11 -1.15
CA CYS A 6 1.77 4.98 -0.64
C CYS A 6 2.78 5.16 -1.78
N GLY A 7 3.43 6.31 -1.81
CA GLY A 7 4.41 6.58 -2.85
C GLY A 7 5.45 5.49 -2.96
N LYS A 8 5.85 4.94 -1.81
CA LYS A 8 6.85 3.88 -1.78
C LYS A 8 6.48 2.76 -2.73
N GLU A 9 5.19 2.42 -2.78
CA GLU A 9 4.71 1.36 -3.65
C GLU A 9 5.50 0.07 -3.44
N GLY A 10 5.06 -0.75 -2.51
CA GLY A 10 5.74 -2.01 -2.23
C GLY A 10 4.80 -3.12 -1.83
N HIS A 11 3.94 -2.83 -0.85
CA HIS A 11 2.97 -3.81 -0.37
C HIS A 11 1.64 -3.67 -1.10
N GLN A 12 0.64 -4.43 -0.67
CA GLN A 12 -0.67 -4.40 -1.29
C GLN A 12 -1.62 -3.50 -0.49
N MET A 13 -2.50 -2.80 -1.21
CA MET A 13 -3.45 -1.90 -0.58
C MET A 13 -4.29 -2.65 0.47
N LYS A 14 -4.71 -3.86 0.11
CA LYS A 14 -5.53 -4.67 1.02
C LYS A 14 -4.80 -4.91 2.34
N ASP A 15 -3.48 -5.05 2.27
CA ASP A 15 -2.67 -5.27 3.46
C ASP A 15 -2.09 -3.96 3.98
N CYS A 16 -2.41 -2.86 3.30
CA CYS A 16 -1.92 -1.55 3.68
C CYS A 16 -2.41 -1.18 5.08
N THR A 17 -1.59 -0.42 5.81
CA THR A 17 -1.94 0.00 7.16
C THR A 17 -3.32 0.63 7.19
N GLU A 18 -3.65 1.41 6.17
CA GLU A 18 -4.94 2.06 6.08
C GLU A 18 -6.07 1.05 5.97
N ARG A 19 -7.22 1.39 6.53
CA ARG A 19 -8.38 0.50 6.51
C ARG A 19 -9.25 0.76 5.28
ZN ZN B . 0.09 1.18 1.50
N LYS A 1 2.18 -4.59 -3.95
CA LYS A 1 2.80 -4.28 -5.23
C LYS A 1 2.37 -2.91 -5.73
N GLY A 2 2.77 -1.86 -5.00
CA GLY A 2 2.41 -0.52 -5.40
C GLY A 2 1.09 -0.07 -4.79
N CYS A 3 1.18 0.67 -3.69
CA CYS A 3 -0.02 1.15 -3.02
C CYS A 3 -0.71 2.16 -3.94
N TRP A 4 -1.69 2.85 -3.37
CA TRP A 4 -2.45 3.85 -4.12
C TRP A 4 -2.18 5.25 -3.59
N LYS A 5 -1.72 5.33 -2.34
CA LYS A 5 -1.43 6.60 -1.71
C LYS A 5 0.02 6.64 -1.19
N CYS A 6 0.53 5.48 -0.80
CA CYS A 6 1.89 5.38 -0.29
C CYS A 6 2.91 5.61 -1.40
N GLY A 7 3.50 6.81 -1.41
CA GLY A 7 4.49 7.13 -2.42
C GLY A 7 5.57 6.09 -2.54
N LYS A 8 5.96 5.51 -1.41
CA LYS A 8 7.01 4.48 -1.39
C LYS A 8 6.70 3.39 -2.40
N GLU A 9 5.43 3.00 -2.49
CA GLU A 9 5.02 1.96 -3.42
C GLU A 9 5.87 0.71 -3.25
N GLY A 10 5.44 -0.19 -2.35
CA GLY A 10 6.18 -1.41 -2.12
C GLY A 10 5.27 -2.57 -1.76
N HIS A 11 4.36 -2.34 -0.82
CA HIS A 11 3.43 -3.37 -0.39
C HIS A 11 2.10 -3.26 -1.14
N GLN A 12 1.13 -4.09 -0.74
CA GLN A 12 -0.18 -4.07 -1.38
C GLN A 12 -1.15 -3.22 -0.57
N MET A 13 -2.06 -2.55 -1.29
CA MET A 13 -3.05 -1.69 -0.64
C MET A 13 -3.92 -2.50 0.32
N LYS A 14 -4.30 -3.70 -0.09
CA LYS A 14 -5.13 -4.57 0.73
C LYS A 14 -4.44 -4.85 2.07
N ASP A 15 -3.12 -4.95 2.05
CA ASP A 15 -2.35 -5.22 3.26
C ASP A 15 -1.83 -3.92 3.87
N CYS A 16 -2.08 -2.82 3.19
CA CYS A 16 -1.64 -1.51 3.66
C CYS A 16 -2.17 -1.22 5.06
N THR A 17 -1.40 -0.49 5.85
CA THR A 17 -1.80 -0.14 7.21
C THR A 17 -3.21 0.44 7.23
N GLU A 18 -3.53 1.23 6.21
CA GLU A 18 -4.85 1.85 6.12
C GLU A 18 -5.94 0.79 5.96
N ARG A 19 -7.17 1.15 6.34
CA ARG A 19 -8.29 0.23 6.24
C ARG A 19 -9.02 0.40 4.91
ZN ZN B . 0.33 1.42 1.63
N LYS A 1 5.33 -0.91 -8.51
CA LYS A 1 4.06 -0.52 -7.91
C LYS A 1 3.72 -1.40 -6.72
N GLY A 2 2.96 -0.86 -5.77
CA GLY A 2 2.58 -1.62 -4.60
C GLY A 2 1.17 -1.30 -4.14
N CYS A 3 1.05 -0.39 -3.19
CA CYS A 3 -0.25 -0.02 -2.68
C CYS A 3 -0.95 0.86 -3.72
N TRP A 4 -2.02 1.51 -3.28
CA TRP A 4 -2.80 2.39 -4.15
C TRP A 4 -2.77 3.82 -3.64
N LYS A 5 -2.45 3.99 -2.35
CA LYS A 5 -2.39 5.31 -1.74
C LYS A 5 -1.03 5.55 -1.09
N CYS A 6 -0.44 4.47 -0.57
CA CYS A 6 0.86 4.56 0.08
C CYS A 6 1.93 5.07 -0.89
N GLY A 7 2.23 4.27 -1.91
CA GLY A 7 3.22 4.66 -2.88
C GLY A 7 4.60 4.09 -2.58
N LYS A 8 4.91 3.96 -1.29
CA LYS A 8 6.18 3.42 -0.87
C LYS A 8 6.48 2.09 -1.55
N GLU A 9 5.42 1.36 -1.90
CA GLU A 9 5.57 0.07 -2.58
C GLU A 9 6.37 -0.91 -1.71
N GLY A 10 5.66 -1.79 -1.01
CA GLY A 10 6.32 -2.76 -0.17
C GLY A 10 5.40 -3.89 0.24
N HIS A 11 4.14 -3.57 0.49
CA HIS A 11 3.16 -4.57 0.90
C HIS A 11 1.97 -4.57 -0.06
N GLN A 12 0.95 -5.37 0.28
CA GLN A 12 -0.25 -5.46 -0.56
C GLN A 12 -1.37 -4.60 0.01
N MET A 13 -2.13 -3.96 -0.87
CA MET A 13 -3.24 -3.10 -0.45
C MET A 13 -4.18 -3.85 0.48
N LYS A 14 -4.46 -5.11 0.14
CA LYS A 14 -5.35 -5.93 0.96
C LYS A 14 -4.82 -6.08 2.38
N ASP A 15 -3.49 -6.15 2.50
CA ASP A 15 -2.85 -6.27 3.80
C ASP A 15 -2.32 -4.94 4.29
N CYS A 16 -2.73 -3.86 3.63
CA CYS A 16 -2.29 -2.52 3.99
C CYS A 16 -2.88 -2.10 5.33
N THR A 17 -2.10 -1.37 6.12
CA THR A 17 -2.53 -0.91 7.43
C THR A 17 -3.33 0.39 7.31
N GLU A 18 -4.36 0.36 6.47
CA GLU A 18 -5.21 1.54 6.27
C GLU A 18 -6.16 1.72 7.45
N ARG A 19 -7.11 2.65 7.30
CA ARG A 19 -8.09 2.93 8.33
C ARG A 19 -9.46 3.21 7.74
ZN ZN B . -0.37 0.37 1.96
N LYS A 1 1.82 -3.92 -7.73
CA LYS A 1 3.23 -3.86 -7.33
C LYS A 1 3.41 -2.96 -6.11
N GLY A 2 2.59 -1.91 -6.02
CA GLY A 2 2.68 -0.99 -4.91
C GLY A 2 1.31 -0.56 -4.42
N CYS A 3 1.29 0.24 -3.36
CA CYS A 3 0.04 0.72 -2.81
C CYS A 3 -0.61 1.65 -3.83
N TRP A 4 -1.63 2.37 -3.36
CA TRP A 4 -2.35 3.30 -4.21
C TRP A 4 -2.17 4.74 -3.75
N LYS A 5 -1.78 4.90 -2.49
CA LYS A 5 -1.56 6.23 -1.91
C LYS A 5 -0.15 6.34 -1.34
N CYS A 6 0.37 5.23 -0.83
CA CYS A 6 1.71 5.20 -0.25
C CYS A 6 2.76 5.57 -1.28
N GLY A 7 2.91 4.72 -2.30
CA GLY A 7 3.88 4.97 -3.35
C GLY A 7 5.20 4.28 -3.09
N LYS A 8 5.56 4.16 -1.80
CA LYS A 8 6.81 3.52 -1.43
C LYS A 8 6.93 2.14 -2.08
N GLU A 9 5.80 1.50 -2.34
CA GLU A 9 5.79 0.19 -2.96
C GLU A 9 6.54 -0.83 -2.11
N GLY A 10 5.79 -1.64 -1.37
CA GLY A 10 6.40 -2.64 -0.52
C GLY A 10 5.40 -3.67 -0.02
N HIS A 11 4.20 -3.22 0.29
CA HIS A 11 3.14 -4.10 0.78
C HIS A 11 1.92 -4.03 -0.12
N GLN A 12 0.85 -4.71 0.30
CA GLN A 12 -0.39 -4.74 -0.46
C GLN A 12 -1.40 -3.74 0.10
N MET A 13 -2.10 -3.04 -0.78
CA MET A 13 -3.09 -2.06 -0.37
C MET A 13 -4.11 -2.68 0.59
N LYS A 14 -4.47 -3.93 0.33
CA LYS A 14 -5.43 -4.65 1.16
C LYS A 14 -4.92 -4.78 2.58
N ASP A 15 -3.60 -4.97 2.72
CA ASP A 15 -2.99 -5.11 4.04
C ASP A 15 -2.30 -3.81 4.46
N CYS A 16 -2.57 -2.74 3.71
CA CYS A 16 -1.98 -1.44 4.01
C CYS A 16 -2.46 -0.92 5.36
N THR A 17 -1.56 -0.28 6.10
CA THR A 17 -1.89 0.27 7.41
C THR A 17 -2.56 1.64 7.27
N GLU A 18 -3.67 1.68 6.55
CA GLU A 18 -4.41 2.91 6.35
C GLU A 18 -5.32 3.21 7.54
N ARG A 19 -5.78 2.14 8.19
CA ARG A 19 -6.67 2.29 9.34
C ARG A 19 -6.09 1.56 10.56
ZN ZN B . 0.12 1.20 1.83
N LYS A 1 3.42 -0.66 -8.32
CA LYS A 1 2.95 -2.03 -8.15
C LYS A 1 2.92 -2.40 -6.67
N GLY A 2 2.41 -1.50 -5.84
CA GLY A 2 2.31 -1.76 -4.42
C GLY A 2 0.97 -1.37 -3.84
N CYS A 3 0.93 -0.25 -3.15
CA CYS A 3 -0.31 0.22 -2.53
C CYS A 3 -0.97 1.20 -3.51
N TRP A 4 -2.00 1.87 -3.01
CA TRP A 4 -2.75 2.84 -3.82
C TRP A 4 -2.57 4.26 -3.27
N LYS A 5 -2.21 4.34 -1.99
CA LYS A 5 -2.00 5.63 -1.33
C LYS A 5 -0.60 5.73 -0.74
N CYS A 6 -0.06 4.60 -0.32
CA CYS A 6 1.28 4.55 0.27
C CYS A 6 2.34 4.80 -0.79
N GLY A 7 2.86 6.02 -0.82
CA GLY A 7 3.89 6.36 -1.78
C GLY A 7 5.05 5.40 -1.76
N LYS A 8 5.35 4.85 -0.58
CA LYS A 8 6.44 3.91 -0.44
C LYS A 8 6.34 2.78 -1.46
N GLU A 9 5.13 2.31 -1.70
CA GLU A 9 4.89 1.24 -2.66
C GLU A 9 5.80 0.05 -2.38
N GLY A 10 5.34 -0.86 -1.52
CA GLY A 10 6.12 -2.03 -1.19
C GLY A 10 5.26 -3.23 -0.85
N HIS A 11 4.21 -3.01 -0.08
CA HIS A 11 3.30 -4.08 0.30
C HIS A 11 2.02 -4.04 -0.52
N GLN A 12 1.08 -4.91 -0.19
CA GLN A 12 -0.20 -4.97 -0.90
C GLN A 12 -1.27 -4.16 -0.18
N MET A 13 -2.16 -3.54 -0.94
CA MET A 13 -3.24 -2.74 -0.38
C MET A 13 -4.11 -3.57 0.54
N LYS A 14 -4.39 -4.80 0.14
CA LYS A 14 -5.21 -5.70 0.94
C LYS A 14 -4.59 -5.95 2.31
N ASP A 15 -3.26 -6.00 2.35
CA ASP A 15 -2.54 -6.23 3.59
C ASP A 15 -2.05 -4.91 4.18
N CYS A 16 -2.44 -3.81 3.55
CA CYS A 16 -2.04 -2.48 4.02
C CYS A 16 -2.61 -2.19 5.39
N THR A 17 -1.84 -1.49 6.22
CA THR A 17 -2.26 -1.14 7.57
C THR A 17 -3.03 0.18 7.59
N GLU A 18 -3.97 0.32 6.66
CA GLU A 18 -4.78 1.54 6.57
C GLU A 18 -5.71 1.66 7.78
N ARG A 19 -5.86 2.89 8.27
CA ARG A 19 -6.73 3.15 9.42
C ARG A 19 -8.17 2.73 9.12
ZN ZN B . -0.19 0.58 2.12
N LYS A 1 4.99 -1.45 -8.94
CA LYS A 1 3.70 -1.56 -8.26
C LYS A 1 3.76 -0.93 -6.88
N GLY A 2 2.67 -0.30 -6.46
CA GLY A 2 2.62 0.33 -5.16
C GLY A 2 1.20 0.45 -4.63
N CYS A 3 1.08 0.98 -3.42
CA CYS A 3 -0.23 1.15 -2.81
C CYS A 3 -1.02 2.16 -3.63
N TRP A 4 -2.13 2.62 -3.04
CA TRP A 4 -3.00 3.59 -3.71
C TRP A 4 -2.95 4.93 -2.97
N LYS A 5 -2.57 4.90 -1.70
CA LYS A 5 -2.49 6.11 -0.90
C LYS A 5 -1.09 6.28 -0.32
N CYS A 6 -0.43 5.16 -0.04
CA CYS A 6 0.92 5.19 0.52
C CYS A 6 1.88 5.89 -0.43
N GLY A 7 2.09 5.30 -1.60
CA GLY A 7 2.99 5.87 -2.58
C GLY A 7 4.39 5.30 -2.49
N LYS A 8 4.81 4.96 -1.28
CA LYS A 8 6.14 4.38 -1.06
C LYS A 8 6.39 3.21 -1.99
N GLU A 9 5.31 2.51 -2.36
CA GLU A 9 5.42 1.37 -3.25
C GLU A 9 6.30 0.28 -2.64
N GLY A 10 5.67 -0.75 -2.07
CA GLY A 10 6.41 -1.83 -1.47
C GLY A 10 5.53 -3.03 -1.18
N HIS A 11 4.30 -2.78 -0.73
CA HIS A 11 3.37 -3.86 -0.41
C HIS A 11 2.08 -3.71 -1.23
N GLN A 12 1.14 -4.60 -0.97
CA GLN A 12 -0.15 -4.58 -1.68
C GLN A 12 -1.20 -3.85 -0.86
N MET A 13 -2.12 -3.17 -1.55
CA MET A 13 -3.19 -2.44 -0.88
C MET A 13 -4.03 -3.37 -0.02
N LYS A 14 -4.34 -4.55 -0.56
CA LYS A 14 -5.16 -5.53 0.15
C LYS A 14 -4.51 -5.89 1.49
N ASP A 15 -3.18 -5.91 1.52
CA ASP A 15 -2.45 -6.25 2.73
C ASP A 15 -2.08 -4.98 3.50
N CYS A 16 -2.29 -3.83 2.87
CA CYS A 16 -1.97 -2.55 3.49
C CYS A 16 -2.63 -2.43 4.87
N THR A 17 -1.98 -1.70 5.77
CA THR A 17 -2.49 -1.52 7.11
C THR A 17 -3.34 -0.25 7.20
N GLU A 18 -4.15 -0.01 6.18
CA GLU A 18 -5.01 1.17 6.15
C GLU A 18 -5.93 1.20 7.37
N ARG A 19 -6.15 2.39 7.92
CA ARG A 19 -7.01 2.55 9.08
C ARG A 19 -8.37 1.92 8.84
ZN ZN B . -0.18 0.59 1.82
N LYS A 1 4.68 -3.95 -8.50
CA LYS A 1 4.00 -2.76 -8.01
C LYS A 1 3.74 -2.86 -6.51
N GLY A 2 3.63 -1.71 -5.85
CA GLY A 2 3.39 -1.68 -4.42
C GLY A 2 1.98 -1.24 -4.08
N CYS A 3 1.87 -0.10 -3.41
CA CYS A 3 0.55 0.41 -3.04
C CYS A 3 0.02 1.27 -4.18
N TRP A 4 -1.04 2.02 -3.88
CA TRP A 4 -1.67 2.89 -4.87
C TRP A 4 -1.48 4.36 -4.47
N LYS A 5 -1.25 4.60 -3.19
CA LYS A 5 -1.06 5.96 -2.69
C LYS A 5 0.27 6.09 -1.97
N CYS A 6 0.72 5.00 -1.34
CA CYS A 6 1.98 5.00 -0.61
C CYS A 6 3.16 5.21 -1.56
N GLY A 7 3.99 6.20 -1.26
CA GLY A 7 5.14 6.49 -2.09
C GLY A 7 6.16 5.37 -2.06
N LYS A 8 6.50 4.91 -0.87
CA LYS A 8 7.49 3.85 -0.70
C LYS A 8 7.14 2.65 -1.59
N GLU A 9 5.85 2.33 -1.67
CA GLU A 9 5.39 1.23 -2.49
C GLU A 9 6.15 -0.05 -2.16
N GLY A 10 5.67 -0.79 -1.17
CA GLY A 10 6.33 -2.02 -0.77
C GLY A 10 5.34 -3.13 -0.46
N HIS A 11 4.38 -2.84 0.42
CA HIS A 11 3.37 -3.82 0.80
C HIS A 11 2.20 -3.80 -0.18
N GLN A 12 1.16 -4.57 0.14
CA GLN A 12 -0.01 -4.65 -0.72
C GLN A 12 -1.10 -3.68 -0.24
N MET A 13 -1.86 -3.14 -1.19
CA MET A 13 -2.93 -2.20 -0.86
C MET A 13 -3.95 -2.84 0.06
N LYS A 14 -4.30 -4.09 -0.21
CA LYS A 14 -5.27 -4.81 0.61
C LYS A 14 -4.80 -4.91 2.05
N ASP A 15 -3.49 -5.02 2.24
CA ASP A 15 -2.91 -5.12 3.58
C ASP A 15 -2.35 -3.77 4.02
N CYS A 16 -2.61 -2.74 3.24
CA CYS A 16 -2.12 -1.40 3.54
C CYS A 16 -2.75 -0.87 4.83
N THR A 17 -1.96 -0.15 5.61
CA THR A 17 -2.44 0.41 6.88
C THR A 17 -3.10 1.77 6.66
N GLU A 18 -4.03 1.83 5.70
CA GLU A 18 -4.73 3.07 5.40
C GLU A 18 -5.74 3.41 6.50
N ARG A 19 -6.25 2.37 7.17
CA ARG A 19 -7.21 2.56 8.24
C ARG A 19 -6.61 3.34 9.40
ZN ZN B . 0.10 1.20 1.55
N LYS A 1 4.49 -1.52 -9.23
CA LYS A 1 3.37 -0.92 -8.51
C LYS A 1 3.17 -1.60 -7.17
N GLY A 2 2.80 -0.81 -6.16
CA GLY A 2 2.57 -1.34 -4.83
C GLY A 2 1.24 -0.93 -4.26
N CYS A 3 1.27 -0.13 -3.19
CA CYS A 3 0.04 0.32 -2.56
C CYS A 3 -0.69 1.25 -3.54
N TRP A 4 -1.67 1.96 -3.01
CA TRP A 4 -2.46 2.88 -3.81
C TRP A 4 -2.19 4.33 -3.40
N LYS A 5 -1.69 4.51 -2.19
CA LYS A 5 -1.38 5.84 -1.67
C LYS A 5 0.07 5.91 -1.20
N CYS A 6 0.58 4.80 -0.70
CA CYS A 6 1.95 4.75 -0.21
C CYS A 6 2.94 5.04 -1.33
N GLY A 7 3.95 5.84 -1.02
CA GLY A 7 4.95 6.20 -2.02
C GLY A 7 5.91 5.06 -2.29
N LYS A 8 6.49 4.51 -1.23
CA LYS A 8 7.44 3.41 -1.36
C LYS A 8 6.86 2.28 -2.23
N GLU A 9 5.57 2.03 -2.07
CA GLU A 9 4.90 0.99 -2.84
C GLU A 9 5.66 -0.32 -2.75
N GLY A 10 5.33 -1.12 -1.73
CA GLY A 10 5.99 -2.40 -1.54
C GLY A 10 5.03 -3.49 -1.13
N HIS A 11 4.24 -3.23 -0.09
CA HIS A 11 3.28 -4.19 0.41
C HIS A 11 1.95 -4.08 -0.33
N GLN A 12 0.96 -4.83 0.12
CA GLN A 12 -0.36 -4.81 -0.51
C GLN A 12 -1.31 -3.89 0.26
N MET A 13 -2.21 -3.23 -0.46
CA MET A 13 -3.17 -2.32 0.15
C MET A 13 -3.98 -3.04 1.22
N LYS A 14 -4.39 -4.27 0.92
CA LYS A 14 -5.17 -5.07 1.86
C LYS A 14 -4.43 -5.24 3.18
N ASP A 15 -3.11 -5.35 3.09
CA ASP A 15 -2.28 -5.52 4.28
C ASP A 15 -1.71 -4.18 4.75
N CYS A 16 -2.04 -3.12 4.02
CA CYS A 16 -1.57 -1.79 4.36
C CYS A 16 -2.04 -1.37 5.74
N THR A 17 -1.23 -0.57 6.43
CA THR A 17 -1.58 -0.11 7.77
C THR A 17 -2.98 0.51 7.80
N GLU A 18 -3.34 1.20 6.73
CA GLU A 18 -4.65 1.83 6.62
C GLU A 18 -5.75 0.78 6.58
N ARG A 19 -6.98 1.22 6.85
CA ARG A 19 -8.13 0.31 6.84
C ARG A 19 -8.68 0.15 5.43
ZN ZN B . 0.39 0.79 2.06
N LYS A 1 5.24 -0.85 -8.51
CA LYS A 1 3.84 -1.10 -8.19
C LYS A 1 3.71 -1.66 -6.77
N GLY A 2 3.06 -0.90 -5.90
CA GLY A 2 2.86 -1.32 -4.53
C GLY A 2 1.45 -1.05 -4.03
N CYS A 3 1.34 -0.11 -3.10
CA CYS A 3 0.03 0.22 -2.56
C CYS A 3 -0.67 1.18 -3.53
N TRP A 4 -1.74 1.79 -3.04
CA TRP A 4 -2.52 2.72 -3.85
C TRP A 4 -2.41 4.14 -3.30
N LYS A 5 -2.05 4.24 -2.02
CA LYS A 5 -1.91 5.55 -1.37
C LYS A 5 -0.53 5.69 -0.75
N CYS A 6 0.03 4.58 -0.29
CA CYS A 6 1.35 4.58 0.33
C CYS A 6 2.43 5.02 -0.67
N GLY A 7 3.27 5.95 -0.25
CA GLY A 7 4.32 6.45 -1.12
C GLY A 7 5.41 5.41 -1.35
N LYS A 8 5.91 4.83 -0.26
CA LYS A 8 6.96 3.83 -0.35
C LYS A 8 6.59 2.74 -1.35
N GLU A 9 5.32 2.35 -1.36
CA GLU A 9 4.84 1.32 -2.28
C GLU A 9 5.71 0.07 -2.19
N GLY A 10 5.37 -0.82 -1.26
CA GLY A 10 6.13 -2.04 -1.10
C GLY A 10 5.24 -3.25 -0.84
N HIS A 11 4.37 -3.14 0.14
CA HIS A 11 3.46 -4.24 0.49
C HIS A 11 2.21 -4.20 -0.39
N GLN A 12 1.26 -5.06 -0.08
CA GLN A 12 0.01 -5.13 -0.84
C GLN A 12 -1.08 -4.32 -0.15
N MET A 13 -1.96 -3.72 -0.95
CA MET A 13 -3.05 -2.90 -0.42
C MET A 13 -3.95 -3.74 0.49
N LYS A 14 -4.21 -4.98 0.08
CA LYS A 14 -5.05 -5.87 0.87
C LYS A 14 -4.47 -6.09 2.26
N ASP A 15 -3.14 -6.14 2.34
CA ASP A 15 -2.46 -6.34 3.61
C ASP A 15 -1.94 -5.01 4.17
N CYS A 16 -2.33 -3.92 3.52
CA CYS A 16 -1.90 -2.59 3.95
C CYS A 16 -2.45 -2.26 5.34
N THR A 17 -1.64 -1.57 6.14
CA THR A 17 -2.05 -1.20 7.49
C THR A 17 -2.88 0.07 7.48
N GLU A 18 -3.99 0.04 6.73
CA GLU A 18 -4.88 1.20 6.64
C GLU A 18 -6.02 1.09 7.64
N ARG A 19 -6.67 2.22 7.91
CA ARG A 19 -7.77 2.25 8.85
C ARG A 19 -8.89 1.30 8.41
ZN ZN B . -0.05 0.40 2.12
N LYS A 1 0.84 -5.14 -5.05
CA LYS A 1 1.89 -4.15 -5.25
C LYS A 1 1.31 -2.82 -5.69
N GLY A 2 1.77 -1.74 -5.06
CA GLY A 2 1.28 -0.42 -5.40
C GLY A 2 0.08 0.00 -4.58
N CYS A 3 0.33 0.75 -3.52
CA CYS A 3 -0.75 1.21 -2.65
C CYS A 3 -1.56 2.26 -3.41
N TRP A 4 -2.41 2.96 -2.67
CA TRP A 4 -3.25 4.00 -3.23
C TRP A 4 -2.84 5.38 -2.73
N LYS A 5 -2.14 5.40 -1.60
CA LYS A 5 -1.68 6.66 -1.02
C LYS A 5 -0.18 6.62 -0.77
N CYS A 6 0.34 5.43 -0.47
CA CYS A 6 1.77 5.26 -0.21
C CYS A 6 2.59 5.58 -1.46
N GLY A 7 3.58 6.46 -1.29
CA GLY A 7 4.42 6.84 -2.41
C GLY A 7 5.32 5.71 -2.86
N LYS A 8 6.00 5.07 -1.91
CA LYS A 8 6.90 3.96 -2.22
C LYS A 8 6.21 2.92 -3.10
N GLU A 9 4.94 2.67 -2.81
CA GLU A 9 4.17 1.70 -3.58
C GLU A 9 4.91 0.37 -3.68
N GLY A 10 4.70 -0.50 -2.70
CA GLY A 10 5.36 -1.79 -2.68
C GLY A 10 4.43 -2.91 -2.24
N HIS A 11 3.64 -2.64 -1.21
CA HIS A 11 2.70 -3.64 -0.69
C HIS A 11 1.30 -3.39 -1.21
N GLN A 12 0.33 -4.16 -0.71
CA GLN A 12 -1.05 -4.01 -1.14
C GLN A 12 -1.84 -3.17 -0.13
N MET A 13 -2.80 -2.42 -0.64
CA MET A 13 -3.63 -1.56 0.21
C MET A 13 -4.30 -2.38 1.31
N LYS A 14 -4.83 -3.54 0.94
CA LYS A 14 -5.50 -4.41 1.90
C LYS A 14 -4.57 -4.77 3.05
N ASP A 15 -3.28 -4.90 2.76
CA ASP A 15 -2.29 -5.23 3.78
C ASP A 15 -1.57 -3.98 4.26
N CYS A 16 -2.02 -2.83 3.79
CA CYS A 16 -1.42 -1.56 4.17
C CYS A 16 -1.65 -1.27 5.65
N THR A 17 -0.70 -0.58 6.28
CA THR A 17 -0.80 -0.24 7.69
C THR A 17 -2.15 0.41 8.00
N GLU A 18 -2.62 1.25 7.08
CA GLU A 18 -3.89 1.94 7.26
C GLU A 18 -5.06 0.94 7.28
N ARG A 19 -5.27 0.26 6.16
CA ARG A 19 -6.34 -0.72 6.05
C ARG A 19 -6.12 -1.88 7.02
ZN ZN B . 0.33 1.21 1.89
N LYS A 1 2.26 -5.10 -4.48
CA LYS A 1 3.07 -3.88 -4.50
C LYS A 1 2.29 -2.73 -5.10
N GLY A 2 2.78 -1.51 -4.89
CA GLY A 2 2.12 -0.33 -5.43
C GLY A 2 0.76 -0.11 -4.82
N CYS A 3 0.70 0.71 -3.77
CA CYS A 3 -0.56 0.99 -3.11
C CYS A 3 -1.34 2.01 -3.95
N TRP A 4 -2.40 2.53 -3.36
CA TRP A 4 -3.23 3.52 -4.03
C TRP A 4 -3.11 4.88 -3.37
N LYS A 5 -2.72 4.89 -2.10
CA LYS A 5 -2.55 6.14 -1.35
C LYS A 5 -1.13 6.27 -0.82
N CYS A 6 -0.50 5.13 -0.54
CA CYS A 6 0.87 5.12 -0.02
C CYS A 6 1.86 5.55 -1.10
N GLY A 7 2.50 6.70 -0.87
CA GLY A 7 3.47 7.20 -1.83
C GLY A 7 4.77 6.45 -1.78
N LYS A 8 4.89 5.50 -0.85
CA LYS A 8 6.10 4.71 -0.70
C LYS A 8 6.16 3.62 -1.76
N GLU A 9 5.01 3.05 -2.09
CA GLU A 9 4.93 1.99 -3.10
C GLU A 9 5.85 0.83 -2.72
N GLY A 10 5.27 -0.17 -2.07
CA GLY A 10 6.05 -1.33 -1.67
C GLY A 10 5.20 -2.57 -1.48
N HIS A 11 4.04 -2.40 -0.87
CA HIS A 11 3.12 -3.52 -0.63
C HIS A 11 1.85 -3.36 -1.46
N GLN A 12 0.90 -4.25 -1.24
CA GLN A 12 -0.37 -4.22 -1.97
C GLN A 12 -1.48 -3.59 -1.11
N MET A 13 -2.40 -2.91 -1.78
CA MET A 13 -3.51 -2.26 -1.08
C MET A 13 -4.25 -3.26 -0.20
N LYS A 14 -4.54 -4.44 -0.75
CA LYS A 14 -5.25 -5.48 -0.03
C LYS A 14 -4.53 -5.81 1.28
N ASP A 15 -3.20 -5.73 1.26
CA ASP A 15 -2.40 -6.02 2.44
C ASP A 15 -1.97 -4.74 3.13
N CYS A 16 -2.53 -3.62 2.70
CA CYS A 16 -2.20 -2.31 3.27
C CYS A 16 -2.78 -2.18 4.67
N THR A 17 -2.08 -1.45 5.53
CA THR A 17 -2.52 -1.24 6.89
C THR A 17 -3.43 -0.02 7.01
N GLU A 18 -4.42 0.06 6.13
CA GLU A 18 -5.36 1.18 6.12
C GLU A 18 -6.48 0.95 7.12
N ARG A 19 -7.19 2.02 7.45
CA ARG A 19 -8.30 1.93 8.41
C ARG A 19 -9.56 1.39 7.73
ZN ZN B . -0.40 0.87 1.57
N LYS A 1 3.52 -2.28 -8.32
CA LYS A 1 3.04 -3.07 -7.19
C LYS A 1 3.01 -2.22 -5.91
N GLY A 2 2.85 -0.91 -6.08
CA GLY A 2 2.79 -0.02 -4.93
C GLY A 2 1.38 0.25 -4.47
N CYS A 3 1.25 0.96 -3.36
CA CYS A 3 -0.06 1.26 -2.82
C CYS A 3 -0.77 2.22 -3.79
N TRP A 4 -1.86 2.80 -3.31
CA TRP A 4 -2.65 3.73 -4.12
C TRP A 4 -2.55 5.15 -3.57
N LYS A 5 -2.21 5.26 -2.29
CA LYS A 5 -2.07 6.55 -1.63
C LYS A 5 -0.69 6.71 -1.02
N CYS A 6 -0.10 5.62 -0.57
CA CYS A 6 1.22 5.64 0.04
C CYS A 6 2.26 6.15 -0.96
N GLY A 7 2.47 5.40 -2.04
CA GLY A 7 3.44 5.80 -3.04
C GLY A 7 4.80 5.17 -2.82
N LYS A 8 5.15 4.96 -1.55
CA LYS A 8 6.43 4.36 -1.21
C LYS A 8 6.65 3.06 -1.98
N GLU A 9 5.55 2.38 -2.30
CA GLU A 9 5.63 1.12 -3.04
C GLU A 9 6.42 0.07 -2.26
N GLY A 10 5.70 -0.85 -1.63
CA GLY A 10 6.34 -1.90 -0.86
C GLY A 10 5.37 -3.00 -0.46
N HIS A 11 4.16 -2.61 -0.10
CA HIS A 11 3.14 -3.58 0.30
C HIS A 11 1.90 -3.46 -0.57
N GLN A 12 0.86 -4.22 -0.23
CA GLN A 12 -0.38 -4.20 -0.98
C GLN A 12 -1.43 -3.33 -0.29
N MET A 13 -2.28 -2.70 -1.09
CA MET A 13 -3.32 -1.83 -0.55
C MET A 13 -4.23 -2.60 0.41
N LYS A 14 -4.59 -3.81 0.02
CA LYS A 14 -5.45 -4.65 0.84
C LYS A 14 -4.85 -4.88 2.22
N ASP A 15 -3.52 -5.06 2.25
CA ASP A 15 -2.82 -5.28 3.50
C ASP A 15 -2.31 -3.97 4.09
N CYS A 16 -2.60 -2.88 3.39
CA CYS A 16 -2.16 -1.56 3.84
C CYS A 16 -2.75 -1.22 5.20
N THR A 17 -2.03 -0.42 5.98
CA THR A 17 -2.47 -0.03 7.30
C THR A 17 -3.91 0.50 7.27
N GLU A 18 -4.30 1.06 6.13
CA GLU A 18 -5.64 1.60 5.97
C GLU A 18 -6.70 0.60 6.43
N ARG A 19 -7.84 1.12 6.87
CA ARG A 19 -8.93 0.26 7.35
C ARG A 19 -10.20 0.51 6.54
ZN ZN B . -0.17 1.29 1.84
N LYS A 1 0.63 -2.60 -8.43
CA LYS A 1 1.61 -3.36 -7.64
C LYS A 1 1.75 -2.77 -6.23
N GLY A 2 2.33 -1.57 -6.17
CA GLY A 2 2.52 -0.91 -4.88
C GLY A 2 1.21 -0.44 -4.28
N CYS A 3 1.30 0.30 -3.18
CA CYS A 3 0.10 0.80 -2.52
C CYS A 3 -0.58 1.80 -3.46
N TRP A 4 -1.61 2.44 -2.92
CA TRP A 4 -2.37 3.43 -3.69
C TRP A 4 -2.23 4.82 -3.06
N LYS A 5 -1.82 4.86 -1.80
CA LYS A 5 -1.66 6.12 -1.09
C LYS A 5 -0.22 6.30 -0.63
N CYS A 6 0.48 5.19 -0.43
CA CYS A 6 1.86 5.22 0.00
C CYS A 6 2.79 5.67 -1.13
N GLY A 7 2.87 4.84 -2.17
CA GLY A 7 3.72 5.16 -3.31
C GLY A 7 5.07 4.47 -3.24
N LYS A 8 5.59 4.29 -2.03
CA LYS A 8 6.87 3.64 -1.84
C LYS A 8 6.91 2.29 -2.54
N GLU A 9 5.74 1.66 -2.67
CA GLU A 9 5.64 0.36 -3.33
C GLU A 9 6.47 -0.69 -2.59
N GLY A 10 5.80 -1.51 -1.79
CA GLY A 10 6.49 -2.54 -1.03
C GLY A 10 5.54 -3.59 -0.49
N HIS A 11 4.41 -3.16 0.04
CA HIS A 11 3.42 -4.07 0.60
C HIS A 11 2.09 -3.94 -0.14
N GLN A 12 1.08 -4.65 0.35
CA GLN A 12 -0.25 -4.61 -0.26
C GLN A 12 -1.15 -3.60 0.45
N MET A 13 -2.04 -2.98 -0.30
CA MET A 13 -2.96 -2.00 0.26
C MET A 13 -3.90 -2.64 1.26
N LYS A 14 -4.37 -3.84 0.95
CA LYS A 14 -5.28 -4.57 1.83
C LYS A 14 -4.65 -4.77 3.21
N ASP A 15 -3.34 -5.00 3.22
CA ASP A 15 -2.62 -5.21 4.48
C ASP A 15 -2.04 -3.90 5.00
N CYS A 16 -2.04 -2.88 4.15
CA CYS A 16 -1.51 -1.58 4.52
C CYS A 16 -2.12 -1.10 5.84
N THR A 17 -1.37 -0.28 6.56
CA THR A 17 -1.83 0.25 7.85
C THR A 17 -3.24 0.81 7.73
N GLU A 18 -3.54 1.44 6.60
CA GLU A 18 -4.85 2.02 6.37
C GLU A 18 -5.90 0.93 6.16
N ARG A 19 -7.11 1.33 5.81
CA ARG A 19 -8.20 0.39 5.57
C ARG A 19 -9.40 1.09 4.94
ZN ZN B . 0.73 1.09 2.12
#